data_1TXU
#
_entry.id   1TXU
#
_cell.length_a   68.047
_cell.length_b   88.329
_cell.length_c   47.299
_cell.angle_alpha   90.00
_cell.angle_beta   90.00
_cell.angle_gamma   90.00
#
_symmetry.space_group_name_H-M   'P 21 21 2'
#
loop_
_entity.id
_entity.type
_entity.pdbx_description
1 polymer 'Rab5 GDP/GTP exchange factor'
2 non-polymer 'MAGNESIUM ION'
3 water water
#
_entity_poly.entity_id   1
_entity_poly.type   'polypeptide(L)'
_entity_poly.pdbx_seq_one_letter_code
;MGHHHHHHGSSIETDRVSKEFIEFLKTFHKTGQEIYKQTKLFLEG(MSE)HYKRDLSIEEQSECAQDFYHNVAER(MSE)
QTRGKVPPERVEKI(MSE)DQIEKYI(MSE)TRLYKYVFCPETTDDEKKDLAIQKRIRALRWVTPQ(MSE)LCVPVNEDI
PEVSD(MSE)VVKAITDIIE(MSE)DSKRVPRDKLACITKCSKHIFNAIKITKNEPASADDFLPTLIYIVLKGNPPRLQS
NIQYITRFCNPSRL(MSE)TGEDGYYFTNLCCAVAFIEKLDAQSLNLSQEDFDRY(MSE)SGQTSPRKQ
;
_entity_poly.pdbx_strand_id   A
#
# COMPACT_ATOMS: atom_id res chain seq x y z
N GLU A 13 -18.46 11.31 2.04
CA GLU A 13 -16.99 11.47 2.30
C GLU A 13 -16.32 12.31 1.22
N THR A 14 -16.45 11.89 -0.04
CA THR A 14 -15.86 12.59 -1.16
C THR A 14 -16.16 14.09 -1.15
N ASP A 15 -17.36 14.45 -0.69
CA ASP A 15 -17.74 15.86 -0.60
C ASP A 15 -16.85 16.53 0.42
N ARG A 16 -16.48 15.78 1.45
CA ARG A 16 -15.61 16.29 2.50
C ARG A 16 -14.23 16.60 1.90
N VAL A 17 -13.78 15.73 0.99
CA VAL A 17 -12.50 15.90 0.33
C VAL A 17 -12.57 17.07 -0.63
N SER A 18 -13.70 17.18 -1.31
CA SER A 18 -13.91 18.27 -2.26
C SER A 18 -13.88 19.61 -1.55
N LYS A 19 -14.57 19.69 -0.42
CA LYS A 19 -14.62 20.91 0.38
C LYS A 19 -13.21 21.21 0.87
N GLU A 20 -12.57 20.22 1.49
CA GLU A 20 -11.21 20.40 1.98
C GLU A 20 -10.26 20.84 0.88
N PHE A 21 -10.49 20.34 -0.34
CA PHE A 21 -9.65 20.67 -1.50
C PHE A 21 -9.86 22.11 -1.98
N ILE A 22 -11.13 22.48 -2.13
CA ILE A 22 -11.51 23.83 -2.58
C ILE A 22 -11.10 24.89 -1.56
N GLU A 23 -11.31 24.57 -0.29
CA GLU A 23 -10.96 25.44 0.80
C GLU A 23 -9.44 25.60 0.86
N PHE A 24 -8.73 24.51 0.56
CA PHE A 24 -7.28 24.49 0.57
C PHE A 24 -6.71 25.32 -0.57
N LEU A 25 -7.37 25.31 -1.71
CA LEU A 25 -6.87 26.05 -2.86
C LEU A 25 -7.13 27.54 -2.77
N LYS A 26 -8.08 27.95 -1.92
CA LYS A 26 -8.36 29.37 -1.76
C LYS A 26 -7.20 29.96 -0.96
N THR A 27 -6.55 29.09 -0.18
CA THR A 27 -5.40 29.48 0.62
C THR A 27 -4.35 30.10 -0.30
N PHE A 28 -4.30 29.61 -1.53
CA PHE A 28 -3.35 30.12 -2.52
C PHE A 28 -4.11 30.93 -3.55
N HIS A 29 -5.31 31.38 -3.16
CA HIS A 29 -6.21 32.19 -3.99
C HIS A 29 -5.79 32.31 -5.46
N LYS A 30 -4.75 33.10 -5.71
CA LYS A 30 -4.24 33.32 -7.05
C LYS A 30 -4.08 32.00 -7.81
N THR A 31 -2.97 31.31 -7.56
CA THR A 31 -2.69 30.04 -8.23
C THR A 31 -3.75 28.98 -7.93
N GLY A 32 -4.29 29.02 -6.73
CA GLY A 32 -5.31 28.06 -6.33
C GLY A 32 -6.39 27.80 -7.37
N GLN A 33 -7.21 28.81 -7.64
CA GLN A 33 -8.28 28.66 -8.61
C GLN A 33 -7.79 28.04 -9.92
N GLU A 34 -6.60 28.42 -10.34
CA GLU A 34 -6.03 27.89 -11.58
C GLU A 34 -5.85 26.38 -11.48
N ILE A 35 -5.22 25.93 -10.41
CA ILE A 35 -4.97 24.51 -10.19
C ILE A 35 -6.29 23.72 -10.14
N TYR A 36 -7.32 24.33 -9.56
CA TYR A 36 -8.62 23.70 -9.46
C TYR A 36 -9.22 23.44 -10.84
N LYS A 37 -9.05 24.39 -11.76
CA LYS A 37 -9.58 24.25 -13.11
C LYS A 37 -8.83 23.13 -13.84
N GLN A 38 -7.50 23.14 -13.73
CA GLN A 38 -6.67 22.12 -14.35
C GLN A 38 -7.10 20.76 -13.81
N THR A 39 -7.26 20.67 -12.49
CA THR A 39 -7.65 19.42 -11.86
C THR A 39 -9.02 18.92 -12.32
N LYS A 40 -9.98 19.84 -12.44
CA LYS A 40 -11.33 19.45 -12.87
C LYS A 40 -11.31 18.95 -14.30
N LEU A 41 -10.48 19.57 -15.13
CA LEU A 41 -10.37 19.20 -16.53
C LEU A 41 -9.67 17.85 -16.71
N PHE A 42 -8.73 17.55 -15.82
CA PHE A 42 -8.03 16.28 -15.88
C PHE A 42 -9.00 15.14 -15.60
N LEU A 43 -9.86 15.34 -14.61
CA LEU A 43 -10.85 14.34 -14.25
C LEU A 43 -11.89 14.16 -15.36
N GLU A 44 -12.34 15.27 -15.93
CA GLU A 44 -13.30 15.22 -17.03
C GLU A 44 -12.71 14.33 -18.13
N GLY A 45 -11.45 14.57 -18.44
CA GLY A 45 -10.76 13.79 -19.46
C GLY A 45 -10.63 12.32 -19.11
N HIS A 47 -12.58 10.59 -17.60
CA HIS A 47 -13.88 9.96 -17.81
C HIS A 47 -13.94 9.35 -19.20
N TYR A 48 -13.28 9.97 -20.17
CA TYR A 48 -13.29 9.46 -21.53
C TYR A 48 -12.23 8.39 -21.76
N LYS A 49 -11.33 8.24 -20.80
CA LYS A 49 -10.27 7.24 -20.90
C LYS A 49 -10.52 6.04 -20.00
N ARG A 50 -11.74 5.91 -19.48
CA ARG A 50 -12.10 4.82 -18.59
C ARG A 50 -11.94 3.43 -19.22
N ASP A 51 -12.10 3.37 -20.53
CA ASP A 51 -12.02 2.12 -21.29
C ASP A 51 -10.59 1.68 -21.65
N LEU A 52 -9.61 2.54 -21.41
CA LEU A 52 -8.22 2.22 -21.73
C LEU A 52 -7.62 1.24 -20.72
N SER A 53 -6.48 0.66 -21.07
CA SER A 53 -5.81 -0.27 -20.16
C SER A 53 -5.43 0.50 -18.88
N ILE A 54 -5.45 -0.20 -17.76
CA ILE A 54 -5.14 0.41 -16.48
C ILE A 54 -3.72 1.01 -16.50
N GLU A 55 -2.86 0.43 -17.32
CA GLU A 55 -1.48 0.92 -17.45
C GLU A 55 -1.47 2.33 -18.03
N GLU A 56 -2.24 2.55 -19.10
CA GLU A 56 -2.31 3.86 -19.74
C GLU A 56 -2.96 4.90 -18.85
N GLN A 57 -4.03 4.51 -18.16
CA GLN A 57 -4.70 5.42 -17.26
C GLN A 57 -3.73 5.80 -16.15
N SER A 58 -2.93 4.84 -15.71
CA SER A 58 -1.92 5.09 -14.71
C SER A 58 -0.96 6.13 -15.30
N GLU A 59 -0.61 5.96 -16.57
CA GLU A 59 0.29 6.92 -17.21
C GLU A 59 -0.31 8.32 -17.30
N CYS A 60 -1.61 8.43 -17.54
CA CYS A 60 -2.26 9.75 -17.61
C CYS A 60 -2.20 10.45 -16.26
N ALA A 61 -2.44 9.68 -15.21
CA ALA A 61 -2.41 10.22 -13.85
C ALA A 61 -0.97 10.59 -13.48
N GLN A 62 -0.02 9.72 -13.83
CA GLN A 62 1.39 10.00 -13.52
C GLN A 62 1.87 11.24 -14.26
N ASP A 63 1.42 11.40 -15.51
CA ASP A 63 1.80 12.58 -16.29
C ASP A 63 1.13 13.81 -15.69
N PHE A 64 -0.13 13.68 -15.30
CA PHE A 64 -0.85 14.79 -14.71
C PHE A 64 -0.11 15.31 -13.47
N TYR A 65 0.34 14.38 -12.63
CA TYR A 65 1.07 14.76 -11.42
C TYR A 65 2.29 15.56 -11.80
N HIS A 66 3.10 14.99 -12.69
CA HIS A 66 4.32 15.62 -13.16
C HIS A 66 4.09 17.00 -13.75
N ASN A 67 3.19 17.07 -14.73
CA ASN A 67 2.89 18.33 -15.41
C ASN A 67 2.30 19.43 -14.55
N VAL A 68 1.55 19.07 -13.51
CA VAL A 68 0.96 20.08 -12.64
C VAL A 68 1.99 20.56 -11.63
N ALA A 69 2.91 19.67 -11.26
CA ALA A 69 3.97 20.00 -10.31
C ALA A 69 4.98 20.95 -10.92
N GLU A 70 5.09 20.94 -12.25
CA GLU A 70 6.02 21.81 -12.96
C GLU A 70 5.34 23.04 -13.53
N ARG A 71 4.03 23.15 -13.34
CA ARG A 71 3.29 24.30 -13.85
C ARG A 71 3.12 25.37 -12.78
N GLN A 73 5.41 25.93 -9.98
CA GLN A 73 6.73 26.51 -9.82
C GLN A 73 7.00 27.62 -10.84
N THR A 74 6.68 27.33 -12.09
CA THR A 74 6.88 28.30 -13.16
C THR A 74 5.81 29.38 -13.17
N ARG A 75 4.66 29.09 -13.78
CA ARG A 75 3.56 30.05 -13.88
C ARG A 75 3.07 30.65 -12.55
N GLY A 76 3.30 29.95 -11.44
CA GLY A 76 2.85 30.44 -10.14
C GLY A 76 3.95 30.87 -9.18
N LYS A 77 5.21 30.76 -9.59
CA LYS A 77 6.35 31.14 -8.76
C LYS A 77 6.26 30.55 -7.36
N VAL A 78 5.47 29.49 -7.21
CA VAL A 78 5.26 28.82 -5.93
C VAL A 78 6.53 28.16 -5.40
N PRO A 79 6.83 28.38 -4.11
CA PRO A 79 8.02 27.84 -3.43
C PRO A 79 8.06 26.32 -3.48
N PRO A 80 9.16 25.75 -4.04
CA PRO A 80 9.33 24.30 -4.15
C PRO A 80 9.12 23.59 -2.80
N GLU A 81 8.97 24.37 -1.74
CA GLU A 81 8.76 23.83 -0.39
C GLU A 81 7.28 23.60 -0.10
N ARG A 82 6.43 24.44 -0.69
CA ARG A 82 4.99 24.32 -0.48
C ARG A 82 4.33 23.39 -1.49
N VAL A 83 5.06 23.05 -2.54
CA VAL A 83 4.54 22.17 -3.58
C VAL A 83 4.14 20.81 -3.02
N GLU A 84 5.03 20.17 -2.28
CA GLU A 84 4.77 18.86 -1.69
C GLU A 84 3.40 18.78 -1.03
N LYS A 85 3.09 19.75 -0.18
CA LYS A 85 1.80 19.78 0.51
C LYS A 85 0.69 19.77 -0.53
N ILE A 86 0.76 20.72 -1.46
CA ILE A 86 -0.22 20.84 -2.52
C ILE A 86 -0.47 19.53 -3.26
N ASP A 88 0.01 16.59 -2.33
CA ASP A 88 -0.68 15.63 -1.50
C ASP A 88 -2.18 15.92 -1.54
N GLN A 89 -2.53 17.20 -1.60
CA GLN A 89 -3.94 17.59 -1.65
C GLN A 89 -4.56 17.16 -2.99
N ILE A 90 -3.78 17.29 -4.05
CA ILE A 90 -4.23 16.90 -5.38
C ILE A 90 -4.44 15.38 -5.49
N GLU A 91 -3.50 14.60 -4.95
CA GLU A 91 -3.62 13.14 -4.99
C GLU A 91 -4.87 12.77 -4.21
N LYS A 92 -4.98 13.29 -3.00
CA LYS A 92 -6.12 12.97 -2.16
C LYS A 92 -7.37 13.21 -2.99
N TYR A 93 -7.48 14.40 -3.55
CA TYR A 93 -8.66 14.74 -4.32
C TYR A 93 -8.97 13.84 -5.53
N ILE A 94 -8.05 13.75 -6.48
CA ILE A 94 -8.31 12.95 -7.67
C ILE A 94 -8.42 11.45 -7.41
N THR A 96 -9.35 10.07 -4.68
CA THR A 96 -10.57 9.86 -3.93
C THR A 96 -11.68 9.74 -4.96
N ARG A 97 -11.55 10.48 -6.05
CA ARG A 97 -12.56 10.47 -7.12
C ARG A 97 -12.44 9.37 -8.19
N LEU A 98 -11.22 8.92 -8.47
CA LEU A 98 -10.99 7.86 -9.46
C LEU A 98 -11.07 6.45 -8.87
N TYR A 99 -10.91 6.35 -7.57
CA TYR A 99 -10.92 5.05 -6.89
C TYR A 99 -11.91 4.04 -7.43
N LYS A 100 -13.19 4.41 -7.47
CA LYS A 100 -14.26 3.52 -7.94
C LYS A 100 -14.05 3.04 -9.37
N TYR A 101 -13.27 3.80 -10.14
CA TYR A 101 -12.99 3.45 -11.53
C TYR A 101 -11.64 2.79 -11.80
N VAL A 102 -10.65 3.02 -10.95
CA VAL A 102 -9.33 2.44 -11.21
C VAL A 102 -8.82 1.37 -10.25
N PHE A 103 -9.47 1.22 -9.10
CA PHE A 103 -9.04 0.20 -8.14
C PHE A 103 -9.61 -1.16 -8.58
N CYS A 104 -8.72 -2.15 -8.73
CA CYS A 104 -9.13 -3.49 -9.14
C CYS A 104 -10.06 -3.46 -10.37
N PRO A 105 -9.55 -3.00 -11.51
CA PRO A 105 -10.37 -2.94 -12.73
C PRO A 105 -10.78 -4.33 -13.23
N GLU A 106 -12.02 -4.44 -13.70
CA GLU A 106 -12.51 -5.71 -14.24
C GLU A 106 -11.66 -6.06 -15.47
N THR A 107 -10.90 -5.09 -15.95
CA THR A 107 -10.05 -5.26 -17.12
C THR A 107 -8.65 -5.80 -16.79
N THR A 108 -8.42 -6.17 -15.53
CA THR A 108 -7.12 -6.71 -15.15
C THR A 108 -7.30 -8.05 -14.45
N ASP A 109 -6.19 -8.72 -14.19
CA ASP A 109 -6.23 -10.00 -13.49
C ASP A 109 -6.07 -9.73 -11.99
N ASP A 110 -6.32 -8.47 -11.59
CA ASP A 110 -6.21 -8.06 -10.19
C ASP A 110 -7.05 -8.94 -9.28
N GLU A 111 -8.33 -9.06 -9.59
CA GLU A 111 -9.21 -9.89 -8.79
C GLU A 111 -8.80 -11.36 -8.80
N LYS A 112 -8.43 -11.89 -9.98
CA LYS A 112 -8.02 -13.28 -10.04
C LYS A 112 -6.79 -13.47 -9.15
N LYS A 113 -5.94 -12.46 -9.09
CA LYS A 113 -4.75 -12.53 -8.24
C LYS A 113 -5.10 -12.39 -6.76
N ASP A 114 -6.05 -11.51 -6.43
CA ASP A 114 -6.44 -11.37 -5.03
C ASP A 114 -6.92 -12.72 -4.53
N LEU A 115 -7.68 -13.41 -5.39
CA LEU A 115 -8.24 -14.71 -5.03
C LEU A 115 -7.21 -15.82 -4.90
N ALA A 116 -6.24 -15.84 -5.81
CA ALA A 116 -5.23 -16.87 -5.73
C ALA A 116 -4.41 -16.66 -4.48
N ILE A 117 -4.02 -15.41 -4.20
CA ILE A 117 -3.21 -15.16 -3.01
C ILE A 117 -4.00 -15.47 -1.75
N GLN A 118 -5.29 -15.14 -1.74
CA GLN A 118 -6.13 -15.42 -0.59
C GLN A 118 -6.26 -16.92 -0.36
N LYS A 119 -6.56 -17.66 -1.42
CA LYS A 119 -6.69 -19.11 -1.30
C LYS A 119 -5.36 -19.70 -0.85
N ARG A 120 -4.29 -19.18 -1.42
CA ARG A 120 -2.93 -19.62 -1.11
C ARG A 120 -2.61 -19.43 0.37
N ILE A 121 -2.88 -18.23 0.88
CA ILE A 121 -2.62 -17.93 2.27
C ILE A 121 -3.50 -18.77 3.18
N ARG A 122 -4.78 -18.93 2.82
CA ARG A 122 -5.69 -19.72 3.63
C ARG A 122 -5.26 -21.19 3.72
N ALA A 123 -4.54 -21.65 2.70
CA ALA A 123 -4.07 -23.03 2.68
C ALA A 123 -2.75 -23.15 3.45
N LEU A 124 -2.20 -22.02 3.87
CA LEU A 124 -0.94 -22.01 4.60
C LEU A 124 -1.09 -21.61 6.06
N ARG A 125 -2.31 -21.67 6.59
CA ARG A 125 -2.53 -21.29 7.98
C ARG A 125 -1.82 -22.21 8.97
N TRP A 126 -1.22 -23.28 8.46
CA TRP A 126 -0.48 -24.22 9.30
C TRP A 126 0.96 -23.80 9.51
N VAL A 127 1.40 -22.81 8.74
CA VAL A 127 2.77 -22.32 8.87
C VAL A 127 2.98 -21.56 10.19
N THR A 128 3.99 -21.97 10.93
CA THR A 128 4.30 -21.38 12.22
C THR A 128 5.43 -20.38 12.15
N PRO A 129 5.56 -19.52 13.16
CA PRO A 129 6.63 -18.51 13.19
C PRO A 129 7.98 -19.21 13.31
N GLN A 130 7.96 -20.38 13.93
CA GLN A 130 9.16 -21.17 14.13
C GLN A 130 9.70 -21.62 12.78
N LEU A 132 9.47 -20.26 10.14
CA LEU A 132 9.97 -19.09 9.42
C LEU A 132 11.10 -18.37 10.16
N CYS A 133 11.45 -18.87 11.34
CA CYS A 133 12.52 -18.25 12.13
C CYS A 133 12.15 -16.81 12.48
N VAL A 134 10.87 -16.59 12.79
CA VAL A 134 10.35 -15.26 13.14
C VAL A 134 10.60 -14.96 14.62
N PRO A 135 11.28 -13.83 14.91
CA PRO A 135 11.62 -13.36 16.26
C PRO A 135 10.42 -12.76 16.97
N VAL A 136 9.36 -13.55 17.07
CA VAL A 136 8.13 -13.10 17.72
C VAL A 136 7.58 -14.20 18.62
N ASN A 137 7.36 -13.85 19.89
CA ASN A 137 6.84 -14.78 20.88
C ASN A 137 5.44 -14.32 21.28
N GLU A 138 4.42 -14.88 20.66
CA GLU A 138 3.03 -14.50 20.93
C GLU A 138 2.51 -14.98 22.28
N ASP A 139 3.30 -15.79 22.98
CA ASP A 139 2.93 -16.28 24.30
C ASP A 139 3.10 -15.13 25.29
N ILE A 140 3.64 -14.03 24.78
CA ILE A 140 3.83 -12.84 25.60
C ILE A 140 2.71 -11.88 25.19
N PRO A 141 1.70 -11.73 26.05
CA PRO A 141 0.55 -10.85 25.79
C PRO A 141 0.90 -9.59 25.02
N GLU A 142 1.90 -8.85 25.50
CA GLU A 142 2.32 -7.62 24.84
C GLU A 142 2.65 -7.84 23.36
N VAL A 143 3.39 -8.90 23.07
CA VAL A 143 3.78 -9.22 21.70
C VAL A 143 2.56 -9.59 20.87
N SER A 144 1.69 -10.42 21.45
CA SER A 144 0.47 -10.85 20.78
C SER A 144 -0.33 -9.62 20.39
N ASP A 145 -0.43 -8.67 21.29
CA ASP A 145 -1.17 -7.46 21.02
C ASP A 145 -0.48 -6.63 19.93
N VAL A 147 1.22 -7.94 17.51
CA VAL A 147 0.92 -8.68 16.28
C VAL A 147 -0.47 -8.36 15.75
N VAL A 148 -1.48 -8.41 16.62
CA VAL A 148 -2.84 -8.10 16.19
C VAL A 148 -2.97 -6.64 15.71
N LYS A 149 -2.29 -5.71 16.38
CA LYS A 149 -2.32 -4.31 15.96
C LYS A 149 -1.70 -4.18 14.57
N ALA A 150 -0.66 -4.97 14.31
CA ALA A 150 0.01 -4.95 13.02
C ALA A 150 -0.94 -5.46 11.93
N ILE A 151 -1.62 -6.57 12.23
CA ILE A 151 -2.57 -7.16 11.30
C ILE A 151 -3.69 -6.16 11.01
N THR A 152 -4.18 -5.49 12.04
CA THR A 152 -5.23 -4.50 11.92
C THR A 152 -4.90 -3.45 10.86
N ASP A 153 -3.68 -2.93 10.91
CA ASP A 153 -3.31 -1.90 9.97
C ASP A 153 -3.18 -2.43 8.55
N ILE A 154 -2.63 -3.64 8.41
CA ILE A 154 -2.47 -4.22 7.08
C ILE A 154 -3.83 -4.49 6.45
N ILE A 155 -4.79 -4.93 7.26
CA ILE A 155 -6.14 -5.20 6.77
C ILE A 155 -6.86 -3.90 6.43
N GLU A 156 -6.69 -2.87 7.26
CA GLU A 156 -7.37 -1.60 7.02
C GLU A 156 -6.91 -0.85 5.79
N ASP A 158 -7.06 -1.80 2.84
CA ASP A 158 -8.08 -1.92 1.83
C ASP A 158 -9.25 -0.94 1.98
N SER A 159 -9.43 -0.39 3.17
CA SER A 159 -10.53 0.55 3.38
C SER A 159 -10.14 1.98 3.04
N LYS A 160 -8.89 2.20 2.67
CA LYS A 160 -8.44 3.54 2.32
C LYS A 160 -8.49 3.67 0.81
N ARG A 161 -8.85 4.86 0.33
CA ARG A 161 -8.92 5.11 -1.11
C ARG A 161 -7.66 5.73 -1.66
N VAL A 162 -7.10 6.68 -0.93
CA VAL A 162 -5.90 7.39 -1.36
C VAL A 162 -4.66 6.51 -1.21
N PRO A 163 -3.83 6.41 -2.25
CA PRO A 163 -2.60 5.60 -2.22
C PRO A 163 -1.70 5.94 -1.02
N ARG A 164 -1.56 7.22 -0.73
CA ARG A 164 -0.72 7.68 0.37
C ARG A 164 -1.24 7.17 1.71
N ASP A 165 -2.57 7.11 1.86
CA ASP A 165 -3.16 6.62 3.10
C ASP A 165 -2.96 5.09 3.14
N LYS A 166 -3.01 4.44 1.97
CA LYS A 166 -2.81 2.99 1.95
C LYS A 166 -1.40 2.70 2.44
N LEU A 167 -0.45 3.57 2.03
CA LEU A 167 0.95 3.45 2.43
C LEU A 167 1.11 3.68 3.94
N ALA A 168 0.39 4.67 4.45
CA ALA A 168 0.45 4.99 5.87
C ALA A 168 0.06 3.77 6.68
N CYS A 169 -0.89 2.98 6.19
CA CYS A 169 -1.31 1.77 6.89
C CYS A 169 -0.18 0.75 6.91
N ILE A 170 0.51 0.60 5.78
CA ILE A 170 1.62 -0.35 5.69
C ILE A 170 2.69 0.06 6.69
N THR A 171 2.96 1.37 6.78
CA THR A 171 3.96 1.89 7.72
C THR A 171 3.55 1.63 9.17
N LYS A 172 2.29 1.92 9.51
CA LYS A 172 1.81 1.69 10.87
C LYS A 172 1.95 0.21 11.23
N CYS A 173 1.65 -0.66 10.27
CA CYS A 173 1.76 -2.08 10.49
C CYS A 173 3.21 -2.47 10.83
N SER A 174 4.16 -2.04 10.00
CA SER A 174 5.56 -2.38 10.20
C SER A 174 6.11 -1.84 11.52
N LYS A 175 5.60 -0.71 11.98
CA LYS A 175 6.07 -0.17 13.24
C LYS A 175 5.62 -1.04 14.43
N HIS A 176 4.43 -1.65 14.33
CA HIS A 176 3.98 -2.55 15.39
C HIS A 176 4.87 -3.80 15.30
N ILE A 177 5.23 -4.18 14.09
CA ILE A 177 6.08 -5.34 13.90
C ILE A 177 7.41 -5.18 14.64
N PHE A 178 8.05 -4.03 14.47
CA PHE A 178 9.32 -3.79 15.12
C PHE A 178 9.23 -3.82 16.64
N ASN A 179 8.11 -3.35 17.19
CA ASN A 179 7.94 -3.40 18.64
C ASN A 179 7.72 -4.85 19.09
N ALA A 180 7.02 -5.64 18.27
CA ALA A 180 6.77 -7.03 18.61
C ALA A 180 8.11 -7.74 18.70
N ILE A 181 9.01 -7.42 17.78
CA ILE A 181 10.34 -8.01 17.76
C ILE A 181 11.19 -7.49 18.91
N LYS A 182 11.12 -6.19 19.17
CA LYS A 182 11.89 -5.55 20.23
C LYS A 182 11.57 -6.17 21.59
N ILE A 183 10.28 -6.33 21.88
CA ILE A 183 9.84 -6.92 23.14
C ILE A 183 10.30 -8.36 23.28
N THR A 184 10.11 -9.16 22.22
CA THR A 184 10.51 -10.57 22.25
C THR A 184 12.00 -10.72 22.53
N LYS A 185 12.83 -10.08 21.72
CA LYS A 185 14.29 -10.16 21.85
C LYS A 185 14.85 -9.32 22.99
N ASN A 186 14.07 -8.34 23.45
CA ASN A 186 14.48 -7.43 24.53
C ASN A 186 15.62 -6.52 24.07
N GLU A 187 15.82 -6.46 22.76
CA GLU A 187 16.85 -5.62 22.15
C GLU A 187 16.34 -5.19 20.77
N PRO A 188 17.02 -4.22 20.13
CA PRO A 188 16.60 -3.76 18.81
C PRO A 188 16.53 -4.92 17.81
N ALA A 189 15.61 -4.83 16.85
CA ALA A 189 15.46 -5.88 15.87
C ALA A 189 16.56 -5.82 14.81
N SER A 190 17.03 -6.99 14.38
CA SER A 190 18.06 -7.07 13.35
C SER A 190 17.42 -6.89 11.99
N ALA A 191 18.25 -6.58 11.00
CA ALA A 191 17.78 -6.36 9.63
C ALA A 191 17.02 -7.57 9.10
N ASP A 192 17.64 -8.74 9.22
CA ASP A 192 17.08 -9.99 8.74
C ASP A 192 15.83 -10.45 9.51
N ASP A 193 15.43 -9.70 10.53
CA ASP A 193 14.25 -10.05 11.34
C ASP A 193 12.94 -9.54 10.76
N PHE A 194 12.99 -8.42 10.04
CA PHE A 194 11.80 -7.82 9.50
C PHE A 194 10.97 -8.62 8.50
N LEU A 195 11.52 -8.83 7.31
CA LEU A 195 10.80 -9.55 6.27
C LEU A 195 10.11 -10.83 6.75
N PRO A 196 10.83 -11.70 7.49
CA PRO A 196 10.18 -12.92 7.97
C PRO A 196 8.96 -12.60 8.83
N THR A 197 9.04 -11.53 9.62
CA THR A 197 7.95 -11.16 10.50
C THR A 197 6.77 -10.61 9.69
N LEU A 198 7.08 -9.89 8.61
CA LEU A 198 6.03 -9.31 7.78
C LEU A 198 5.31 -10.44 7.05
N ILE A 199 6.06 -11.45 6.63
CA ILE A 199 5.47 -12.58 5.95
C ILE A 199 4.51 -13.29 6.92
N TYR A 200 4.91 -13.36 8.18
CA TYR A 200 4.07 -14.01 9.17
C TYR A 200 2.79 -13.18 9.37
N ILE A 201 2.93 -11.87 9.54
CA ILE A 201 1.77 -11.01 9.72
C ILE A 201 0.78 -11.16 8.54
N VAL A 202 1.30 -11.18 7.32
CA VAL A 202 0.45 -11.33 6.13
C VAL A 202 -0.19 -12.72 6.11
N LEU A 203 0.53 -13.73 6.57
CA LEU A 203 -0.03 -15.07 6.58
C LEU A 203 -1.18 -15.18 7.58
N LYS A 204 -1.04 -14.54 8.73
CA LYS A 204 -2.07 -14.60 9.76
C LYS A 204 -3.19 -13.61 9.46
N GLY A 205 -2.90 -12.58 8.69
CA GLY A 205 -3.91 -11.59 8.38
C GLY A 205 -4.71 -11.79 7.10
N ASN A 206 -4.10 -12.40 6.08
CA ASN A 206 -4.74 -12.62 4.77
C ASN A 206 -5.48 -11.33 4.40
N PRO A 207 -4.75 -10.21 4.31
CA PRO A 207 -5.31 -8.89 3.99
C PRO A 207 -6.18 -8.87 2.75
N PRO A 208 -7.37 -8.23 2.86
CA PRO A 208 -8.30 -8.12 1.74
C PRO A 208 -7.63 -7.57 0.48
N ARG A 209 -7.99 -8.14 -0.67
CA ARG A 209 -7.49 -7.70 -1.98
C ARG A 209 -6.06 -7.20 -1.91
N LEU A 210 -5.19 -8.06 -1.41
CA LEU A 210 -3.78 -7.76 -1.24
C LEU A 210 -3.12 -7.34 -2.56
N GLN A 211 -3.33 -8.14 -3.60
CA GLN A 211 -2.75 -7.84 -4.90
C GLN A 211 -3.29 -6.57 -5.55
N SER A 212 -4.60 -6.32 -5.41
CA SER A 212 -5.18 -5.12 -5.98
C SER A 212 -4.64 -3.89 -5.26
N ASN A 213 -4.42 -3.99 -3.95
CA ASN A 213 -3.88 -2.85 -3.21
C ASN A 213 -2.46 -2.54 -3.64
N ILE A 214 -1.64 -3.59 -3.77
CA ILE A 214 -0.25 -3.42 -4.18
C ILE A 214 -0.15 -2.79 -5.57
N GLN A 215 -1.00 -3.23 -6.49
CA GLN A 215 -0.99 -2.70 -7.84
C GLN A 215 -1.48 -1.26 -7.89
N TYR A 216 -2.55 -0.98 -7.15
CA TYR A 216 -3.14 0.35 -7.10
C TYR A 216 -2.12 1.40 -6.63
N ILE A 217 -1.38 1.05 -5.59
CA ILE A 217 -0.35 1.92 -5.04
C ILE A 217 0.72 2.13 -6.09
N THR A 218 1.19 1.05 -6.68
CA THR A 218 2.22 1.10 -7.71
C THR A 218 1.74 1.92 -8.91
N ARG A 219 0.45 1.87 -9.20
CA ARG A 219 -0.05 2.57 -10.36
C ARG A 219 -0.41 4.05 -10.18
N PHE A 220 -0.97 4.43 -9.04
CA PHE A 220 -1.38 5.80 -8.86
C PHE A 220 -0.75 6.62 -7.75
N CYS A 221 0.11 6.00 -6.95
CA CYS A 221 0.76 6.75 -5.90
C CYS A 221 1.81 7.65 -6.56
N ASN A 222 2.11 8.78 -5.94
CA ASN A 222 3.14 9.65 -6.47
C ASN A 222 4.40 8.81 -6.33
N PRO A 223 5.09 8.50 -7.44
CA PRO A 223 6.30 7.68 -7.39
C PRO A 223 7.38 8.26 -6.48
N SER A 224 7.27 9.56 -6.24
CA SER A 224 8.22 10.27 -5.40
C SER A 224 8.20 9.75 -3.96
N ARG A 225 7.16 9.02 -3.60
CA ARG A 225 7.03 8.48 -2.26
C ARG A 225 7.27 6.97 -2.15
N LEU A 226 7.54 6.31 -3.26
CA LEU A 226 7.73 4.85 -3.24
C LEU A 226 9.14 4.27 -3.22
N THR A 228 11.91 6.34 -2.19
CA THR A 228 12.68 7.36 -1.50
C THR A 228 13.15 6.86 -0.13
N GLY A 229 12.94 5.57 0.14
CA GLY A 229 13.36 5.01 1.41
C GLY A 229 12.39 5.22 2.56
N GLU A 230 11.62 6.30 2.51
CA GLU A 230 10.65 6.59 3.57
C GLU A 230 9.67 5.42 3.68
N ASP A 231 8.57 5.52 2.92
CA ASP A 231 7.56 4.47 2.91
C ASP A 231 7.97 3.46 1.84
N GLY A 232 8.96 3.83 1.04
CA GLY A 232 9.45 2.97 -0.02
C GLY A 232 10.07 1.67 0.47
N TYR A 233 10.80 1.73 1.59
CA TYR A 233 11.43 0.54 2.14
C TYR A 233 10.36 -0.44 2.60
N TYR A 234 9.33 0.10 3.26
CA TYR A 234 8.24 -0.72 3.76
C TYR A 234 7.40 -1.33 2.65
N PHE A 235 7.15 -0.54 1.59
CA PHE A 235 6.35 -1.02 0.48
C PHE A 235 7.10 -2.13 -0.26
N THR A 236 8.39 -1.92 -0.46
CA THR A 236 9.21 -2.91 -1.13
C THR A 236 9.19 -4.22 -0.35
N ASN A 237 9.22 -4.11 0.97
CA ASN A 237 9.22 -5.29 1.79
C ASN A 237 7.93 -6.07 1.71
N LEU A 238 6.80 -5.36 1.61
CA LEU A 238 5.51 -6.02 1.50
C LEU A 238 5.45 -6.74 0.13
N CYS A 239 5.93 -6.09 -0.93
CA CYS A 239 5.90 -6.74 -2.24
C CYS A 239 6.76 -7.99 -2.17
N CYS A 240 7.91 -7.86 -1.51
CA CYS A 240 8.81 -8.98 -1.37
C CYS A 240 8.18 -10.04 -0.49
N ALA A 241 7.32 -9.63 0.45
CA ALA A 241 6.67 -10.61 1.33
C ALA A 241 5.63 -11.42 0.55
N VAL A 242 4.88 -10.74 -0.31
CA VAL A 242 3.85 -11.42 -1.09
C VAL A 242 4.52 -12.39 -2.07
N ALA A 243 5.60 -11.94 -2.72
CA ALA A 243 6.32 -12.81 -3.66
C ALA A 243 6.85 -14.04 -2.92
N PHE A 244 7.37 -13.83 -1.70
CA PHE A 244 7.89 -14.96 -0.93
C PHE A 244 6.77 -15.97 -0.69
N ILE A 245 5.59 -15.48 -0.34
CA ILE A 245 4.44 -16.34 -0.08
C ILE A 245 3.96 -17.06 -1.34
N GLU A 246 3.91 -16.34 -2.45
CA GLU A 246 3.48 -16.92 -3.71
C GLU A 246 4.26 -18.18 -4.07
N LYS A 247 5.58 -18.10 -3.91
CA LYS A 247 6.46 -19.21 -4.23
C LYS A 247 6.98 -20.01 -3.05
N LEU A 248 6.28 -19.96 -1.93
CA LEU A 248 6.71 -20.69 -0.74
C LEU A 248 6.63 -22.20 -0.96
N ASP A 249 7.69 -22.91 -0.56
CA ASP A 249 7.71 -24.37 -0.72
C ASP A 249 8.40 -25.05 0.45
N ALA A 250 8.46 -26.38 0.40
CA ALA A 250 9.07 -27.20 1.44
C ALA A 250 10.42 -26.66 1.92
N GLN A 251 11.36 -26.49 1.00
CA GLN A 251 12.68 -25.99 1.34
C GLN A 251 12.59 -24.60 1.97
N SER A 252 11.66 -23.79 1.44
CA SER A 252 11.45 -22.43 1.92
C SER A 252 11.17 -22.37 3.42
N LEU A 253 10.44 -23.36 3.92
CA LEU A 253 10.10 -23.42 5.35
C LEU A 253 11.10 -24.27 6.11
N ASN A 254 12.16 -24.67 5.44
CA ASN A 254 13.20 -25.49 6.06
C ASN A 254 12.67 -26.88 6.38
N LEU A 255 12.05 -27.52 5.38
CA LEU A 255 11.50 -28.86 5.57
C LEU A 255 11.79 -29.76 4.37
N SER A 256 11.46 -31.04 4.52
CA SER A 256 11.66 -32.02 3.46
C SER A 256 10.32 -32.07 2.73
N GLN A 257 10.36 -32.28 1.42
CA GLN A 257 9.13 -32.35 0.63
C GLN A 257 8.12 -33.25 1.33
N GLU A 258 8.64 -34.21 2.09
CA GLU A 258 7.81 -35.15 2.83
C GLU A 258 6.90 -34.39 3.79
N ASP A 259 7.51 -33.87 4.86
CA ASP A 259 6.75 -33.12 5.86
C ASP A 259 5.80 -32.12 5.20
N PHE A 260 6.38 -31.24 4.39
CA PHE A 260 5.62 -30.21 3.70
C PHE A 260 4.29 -30.73 3.18
N ASP A 261 4.35 -31.74 2.32
CA ASP A 261 3.15 -32.32 1.74
C ASP A 261 2.18 -32.88 2.77
N ARG A 262 2.70 -33.32 3.90
CA ARG A 262 1.86 -33.85 4.96
C ARG A 262 1.00 -32.69 5.46
N TYR A 263 1.66 -31.64 5.93
CA TYR A 263 0.98 -30.45 6.44
C TYR A 263 -0.03 -29.91 5.43
N SER A 265 -1.72 -31.09 3.30
CA SER A 265 -2.92 -31.90 3.15
C SER A 265 -3.56 -32.27 4.48
N GLY A 266 -2.94 -33.22 5.17
CA GLY A 266 -3.45 -33.67 6.46
C GLY A 266 -3.17 -32.74 7.61
#